data_5UGR
#
_entry.id   5UGR
#
_cell.length_a   126.524
_cell.length_b   126.524
_cell.length_c   103.207
_cell.angle_alpha   90.00
_cell.angle_beta   90.00
_cell.angle_gamma   120.00
#
_symmetry.space_group_name_H-M   'P 6 2 2'
#
loop_
_entity.id
_entity.type
_entity.pdbx_description
1 polymer 'Malyl-CoA lyase/beta-methylmalyl-CoA lyase'
2 non-polymer 'MAGNESIUM ION'
3 non-polymer 'CHLORIDE ION'
4 non-polymer 'PENTAETHYLENE GLYCOL'
5 water water
#
_entity_poly.entity_id   1
_entity_poly.type   'polypeptide(L)'
_entity_poly.pdbx_seq_one_letter_code
;MSFTLIQQATPRLHRSELAVPGSNPTFMEKSAASKADVIFLDLEDAVAPDDKEQARKNIIQALNDLDWGNKTMMIRINGL
DTHYMYRDVVDIVEACPRLDMILIPKVGVPADVYAIDVLTTQIEQAKKREKKIGFEVLIETALGMANVEAIATSSKRLEA
MSFGVADYAASTRARSTVIGGVNADYSVLTDKDEAGNRQTHWQDPWLFAQNRMLVACRAYGLRPIDGPFGDFSDPDGYTS
AARRCAALGFEGKWAIHPSQIDLANEVFTPSEAEVTKARRILEAMEEAAKAGRGAVSLDGRLIDIASIRMAEALIQKADA
MGGKEHHHHHHHH
;
_entity_poly.pdbx_strand_id   A
#
# COMPACT_ATOMS: atom_id res chain seq x y z
N SER A 2 5.77 7.58 24.36
CA SER A 2 6.97 8.33 23.93
C SER A 2 6.68 9.83 23.91
N PHE A 3 7.74 10.60 24.13
CA PHE A 3 7.67 12.03 23.87
C PHE A 3 7.78 12.38 22.36
N THR A 4 8.31 11.44 21.56
CA THR A 4 8.40 11.59 20.12
C THR A 4 7.10 11.20 19.47
N LEU A 5 6.54 12.14 18.68
CA LEU A 5 5.21 11.98 18.07
C LEU A 5 5.31 12.06 16.57
N ILE A 6 4.64 11.10 15.91
CA ILE A 6 4.63 11.02 14.43
C ILE A 6 3.21 11.45 13.88
N GLN A 7 3.21 12.21 12.83
CA GLN A 7 1.95 12.52 12.16
C GLN A 7 1.53 11.43 11.14
N GLN A 8 0.29 10.97 11.19
CA GLN A 8 -0.22 10.02 10.27
C GLN A 8 -0.24 10.64 8.84
N ALA A 9 0.04 9.80 7.87
CA ALA A 9 -0.16 10.18 6.48
C ALA A 9 -1.62 10.46 6.18
N THR A 10 -1.84 11.14 5.08
CA THR A 10 -3.16 11.35 4.52
C THR A 10 -3.99 10.10 4.57
N PRO A 11 -5.19 10.10 5.19
N PRO A 11 -5.15 10.14 5.26
CA PRO A 11 -5.89 8.83 5.50
CA PRO A 11 -6.00 8.97 5.30
C PRO A 11 -6.85 8.27 4.40
C PRO A 11 -6.56 8.75 3.90
N ARG A 12 -6.32 7.59 3.41
CA ARG A 12 -7.12 7.05 2.27
C ARG A 12 -7.55 5.65 2.54
N LEU A 13 -8.68 5.27 1.92
CA LEU A 13 -9.16 3.90 1.90
C LEU A 13 -8.35 3.13 0.87
N HIS A 14 -7.77 2.02 1.27
CA HIS A 14 -6.76 1.32 0.48
C HIS A 14 -6.85 -0.20 0.67
N ARG A 15 -8.04 -0.75 0.56
CA ARG A 15 -8.22 -2.21 0.72
C ARG A 15 -7.69 -3.03 -0.46
N SER A 16 -7.91 -2.48 -1.66
CA SER A 16 -7.61 -3.12 -2.93
C SER A 16 -6.82 -2.17 -3.79
N GLU A 17 -5.75 -2.72 -4.39
CA GLU A 17 -4.87 -1.91 -5.26
C GLU A 17 -4.72 -2.66 -6.56
N LEU A 18 -5.38 -2.14 -7.61
CA LEU A 18 -5.41 -2.83 -8.90
C LEU A 18 -4.30 -2.31 -9.81
N ALA A 19 -3.51 -3.25 -10.34
CA ALA A 19 -2.47 -2.98 -11.30
C ALA A 19 -3.00 -3.07 -12.71
N VAL A 20 -2.77 -2.02 -13.50
CA VAL A 20 -3.28 -2.00 -14.88
C VAL A 20 -2.15 -1.57 -15.83
N PRO A 21 -1.77 -2.42 -16.80
CA PRO A 21 -0.72 -2.01 -17.70
C PRO A 21 -1.09 -0.84 -18.63
N GLY A 22 -0.17 0.14 -18.72
CA GLY A 22 -0.45 1.29 -19.60
C GLY A 22 -0.46 0.99 -21.07
N SER A 23 0.07 -0.17 -21.40
CA SER A 23 0.12 -0.64 -22.77
C SER A 23 -1.22 -1.17 -23.26
N ASN A 24 -2.23 -1.22 -22.39
CA ASN A 24 -3.52 -1.75 -22.76
C ASN A 24 -4.64 -0.76 -22.47
N PRO A 25 -4.97 0.10 -23.45
CA PRO A 25 -6.02 1.08 -23.22
C PRO A 25 -7.39 0.49 -22.94
N THR A 26 -7.67 -0.71 -23.49
CA THR A 26 -8.96 -1.37 -23.27
C THR A 26 -9.07 -1.79 -21.82
N PHE A 27 -7.98 -2.34 -21.28
CA PHE A 27 -7.95 -2.76 -19.88
C PHE A 27 -8.05 -1.54 -19.00
N MET A 28 -7.38 -0.44 -19.38
CA MET A 28 -7.54 0.78 -18.58
C MET A 28 -8.97 1.28 -18.52
N GLU A 29 -9.62 1.27 -19.67
CA GLU A 29 -11.05 1.67 -19.70
C GLU A 29 -11.92 0.80 -18.82
N LYS A 30 -11.77 -0.52 -18.93
CA LYS A 30 -12.54 -1.45 -18.12
C LYS A 30 -12.24 -1.19 -16.66
N SER A 31 -10.99 -0.86 -16.32
CA SER A 31 -10.63 -0.67 -14.87
C SER A 31 -11.27 0.53 -14.23
N ALA A 32 -11.63 1.53 -15.04
CA ALA A 32 -12.18 2.75 -14.48
C ALA A 32 -13.53 2.53 -13.84
N ALA A 33 -14.26 1.50 -14.28
CA ALA A 33 -15.56 1.16 -13.70
C ALA A 33 -15.48 0.10 -12.59
N SER A 34 -14.27 -0.32 -12.22
CA SER A 34 -14.11 -1.39 -11.25
C SER A 34 -14.37 -0.87 -9.84
N LYS A 35 -14.40 -1.85 -8.93
CA LYS A 35 -14.56 -1.62 -7.51
C LYS A 35 -13.27 -1.48 -6.72
N ALA A 36 -12.16 -1.32 -7.39
CA ALA A 36 -10.86 -1.12 -6.69
C ALA A 36 -10.86 0.21 -6.00
N ASP A 37 -10.23 0.25 -4.82
CA ASP A 37 -10.04 1.51 -4.08
C ASP A 37 -8.97 2.38 -4.71
N VAL A 38 -7.89 1.71 -5.09
CA VAL A 38 -6.69 2.38 -5.61
C VAL A 38 -6.34 1.67 -6.92
N ILE A 39 -5.98 2.44 -7.94
CA ILE A 39 -5.50 1.88 -9.20
C ILE A 39 -4.15 2.46 -9.51
N PHE A 40 -3.19 1.62 -9.89
CA PHE A 40 -2.00 2.16 -10.51
C PHE A 40 -1.92 1.76 -11.96
N LEU A 41 -1.65 2.78 -12.78
CA LEU A 41 -1.40 2.62 -14.18
C LEU A 41 0.08 2.42 -14.39
N ASP A 42 0.45 1.26 -14.94
CA ASP A 42 1.82 0.81 -14.88
C ASP A 42 2.64 1.20 -16.13
N LEU A 43 3.82 1.75 -15.89
CA LEU A 43 4.82 2.00 -16.94
C LEU A 43 6.01 1.11 -16.84
N GLU A 44 6.07 0.38 -15.72
CA GLU A 44 7.27 -0.36 -15.29
C GLU A 44 7.16 -1.85 -15.64
N ASP A 45 7.10 -2.73 -14.63
CA ASP A 45 7.33 -4.17 -14.85
C ASP A 45 6.44 -4.78 -16.01
N ALA A 46 5.15 -4.44 -16.06
CA ALA A 46 4.27 -5.06 -17.04
C ALA A 46 4.39 -4.54 -18.44
N VAL A 47 5.23 -3.53 -18.67
CA VAL A 47 5.31 -2.91 -19.99
C VAL A 47 6.69 -3.15 -20.59
N ALA A 48 6.72 -3.75 -21.76
CA ALA A 48 8.01 -4.05 -22.40
C ALA A 48 8.70 -2.75 -22.75
N PRO A 49 10.05 -2.74 -22.76
CA PRO A 49 10.78 -1.53 -23.15
C PRO A 49 10.28 -0.87 -24.43
N ASP A 50 10.06 -1.62 -25.49
CA ASP A 50 9.64 -1.01 -26.73
C ASP A 50 8.26 -0.42 -26.69
N ASP A 51 7.47 -0.72 -25.65
CA ASP A 51 6.13 -0.18 -25.47
C ASP A 51 6.02 0.95 -24.46
N LYS A 52 7.13 1.29 -23.77
CA LYS A 52 7.07 2.27 -22.68
C LYS A 52 6.69 3.68 -23.12
N GLU A 53 7.19 4.08 -24.30
CA GLU A 53 6.92 5.46 -24.76
C GLU A 53 5.42 5.60 -25.07
N GLN A 54 4.85 4.57 -25.75
CA GLN A 54 3.42 4.60 -26.05
C GLN A 54 2.56 4.47 -24.81
N ALA A 55 3.01 3.63 -23.86
CA ALA A 55 2.21 3.44 -22.66
C ALA A 55 2.09 4.76 -21.92
N ARG A 56 3.15 5.57 -21.97
CA ARG A 56 3.13 6.88 -21.33
C ARG A 56 2.08 7.77 -21.93
N LYS A 57 2.05 7.76 -23.27
CA LYS A 57 0.98 8.50 -23.94
C LYS A 57 -0.44 7.99 -23.65
N ASN A 58 -0.57 6.68 -23.62
CA ASN A 58 -1.85 6.03 -23.30
C ASN A 58 -2.33 6.44 -21.93
N ILE A 59 -1.39 6.47 -20.96
CA ILE A 59 -1.78 6.85 -19.62
C ILE A 59 -2.21 8.32 -19.46
N ILE A 60 -1.54 9.20 -20.18
CA ILE A 60 -1.95 10.58 -20.17
C ILE A 60 -3.40 10.71 -20.67
N GLN A 61 -3.68 10.02 -21.77
CA GLN A 61 -5.03 10.05 -22.36
C GLN A 61 -6.03 9.45 -21.36
N ALA A 62 -5.65 8.30 -20.73
CA ALA A 62 -6.58 7.64 -19.83
C ALA A 62 -6.86 8.51 -18.58
N LEU A 63 -5.82 9.10 -18.00
CA LEU A 63 -6.04 9.93 -16.84
C LEU A 63 -6.86 11.18 -17.13
N ASN A 64 -6.73 11.71 -18.34
CA ASN A 64 -7.46 12.92 -18.71
C ASN A 64 -8.86 12.70 -19.20
N ASP A 65 -9.10 11.54 -19.80
CA ASP A 65 -10.40 11.29 -20.51
C ASP A 65 -11.42 10.36 -19.80
N LEU A 66 -10.91 9.43 -18.98
CA LEU A 66 -11.80 8.39 -18.46
C LEU A 66 -12.37 8.87 -17.15
N ASP A 67 -13.45 8.23 -16.74
CA ASP A 67 -14.10 8.58 -15.48
C ASP A 67 -13.65 7.61 -14.40
N TRP A 68 -12.77 8.08 -13.53
CA TRP A 68 -12.21 7.26 -12.48
C TRP A 68 -12.97 7.41 -11.16
N GLY A 69 -14.05 8.17 -11.15
CA GLY A 69 -14.72 8.36 -9.89
C GLY A 69 -13.84 8.97 -8.81
N ASN A 70 -14.03 8.52 -7.56
CA ASN A 70 -13.23 8.96 -6.46
C ASN A 70 -12.09 8.00 -6.15
N LYS A 71 -11.72 7.16 -7.11
CA LYS A 71 -10.56 6.24 -6.90
C LYS A 71 -9.30 7.02 -6.65
N THR A 72 -8.41 6.47 -5.82
CA THR A 72 -7.05 7.01 -5.72
C THR A 72 -6.29 6.54 -6.96
N MET A 73 -5.87 7.48 -7.79
CA MET A 73 -5.25 7.17 -9.07
C MET A 73 -3.75 7.40 -8.99
N MET A 74 -3.01 6.36 -9.40
CA MET A 74 -1.56 6.32 -9.26
CA MET A 74 -1.55 6.36 -9.29
C MET A 74 -0.91 5.89 -10.57
N ILE A 75 0.37 6.21 -10.73
CA ILE A 75 1.19 5.58 -11.77
C ILE A 75 2.37 4.89 -11.11
N ARG A 76 2.73 3.72 -11.64
CA ARG A 76 3.99 3.07 -11.27
C ARG A 76 5.01 3.49 -12.34
N ILE A 77 5.88 4.43 -11.93
CA ILE A 77 6.95 4.91 -12.79
C ILE A 77 8.04 3.88 -12.97
N ASN A 78 8.87 4.10 -13.99
CA ASN A 78 10.01 3.24 -14.21
C ASN A 78 11.06 3.41 -13.10
N GLY A 79 11.96 2.45 -13.05
CA GLY A 79 13.01 2.46 -12.02
C GLY A 79 13.99 3.62 -12.17
N LEU A 80 14.49 4.08 -11.03
CA LEU A 80 15.44 5.20 -11.00
C LEU A 80 16.73 4.89 -11.75
N ASP A 81 16.99 3.60 -11.90
CA ASP A 81 18.15 3.08 -12.64
C ASP A 81 17.94 3.02 -14.14
N THR A 82 16.81 3.51 -14.61
CA THR A 82 16.43 3.43 -16.02
C THR A 82 16.13 4.80 -16.61
N HIS A 83 16.32 4.91 -17.93
CA HIS A 83 16.22 6.24 -18.57
C HIS A 83 14.78 6.73 -18.75
N TYR A 84 13.82 5.79 -18.68
CA TYR A 84 12.42 6.11 -18.93
C TYR A 84 11.80 7.03 -17.86
N MET A 85 12.35 6.92 -16.63
CA MET A 85 11.64 7.46 -15.49
C MET A 85 11.39 8.99 -15.56
N TYR A 86 12.42 9.74 -15.93
CA TYR A 86 12.24 11.20 -15.83
C TYR A 86 11.12 11.69 -16.76
N ARG A 87 10.99 11.05 -17.92
N ARG A 87 11.01 11.07 -17.94
CA ARG A 87 9.90 11.42 -18.80
CA ARG A 87 9.90 11.40 -18.85
C ARG A 87 8.52 10.94 -18.33
C ARG A 87 8.52 10.96 -18.32
N ASP A 88 8.48 9.82 -17.62
CA ASP A 88 7.25 9.39 -16.95
C ASP A 88 6.71 10.49 -16.01
N VAL A 89 7.62 10.98 -15.16
CA VAL A 89 7.21 11.95 -14.15
C VAL A 89 6.89 13.29 -14.80
N VAL A 90 7.81 13.78 -15.60
CA VAL A 90 7.62 15.12 -16.24
C VAL A 90 6.34 15.11 -17.10
N ASP A 91 6.23 14.15 -18.02
CA ASP A 91 5.12 14.23 -18.99
C ASP A 91 3.76 14.05 -18.31
N ILE A 92 3.68 13.10 -17.39
CA ILE A 92 2.39 12.81 -16.77
C ILE A 92 2.03 13.83 -15.73
N VAL A 93 2.98 14.23 -14.86
CA VAL A 93 2.61 15.19 -13.86
C VAL A 93 2.26 16.55 -14.53
N GLU A 94 2.97 16.91 -15.58
CA GLU A 94 2.64 18.17 -16.28
C GLU A 94 1.23 18.14 -16.84
N ALA A 95 0.85 17.00 -17.43
CA ALA A 95 -0.38 16.90 -18.24
C ALA A 95 -1.63 16.49 -17.51
N CYS A 96 -1.49 15.94 -16.28
CA CYS A 96 -2.60 15.16 -15.72
C CYS A 96 -2.92 15.56 -14.29
N PRO A 97 -3.70 16.64 -14.10
CA PRO A 97 -4.17 17.03 -12.76
C PRO A 97 -4.91 15.89 -12.00
N ARG A 98 -5.55 14.97 -12.70
CA ARG A 98 -6.29 13.86 -12.05
C ARG A 98 -5.40 12.93 -11.23
N LEU A 99 -4.12 12.85 -11.59
CA LEU A 99 -3.21 11.98 -10.86
C LEU A 99 -3.19 12.36 -9.38
N ASP A 100 -3.30 11.31 -8.53
CA ASP A 100 -3.24 11.50 -7.10
C ASP A 100 -1.86 11.13 -6.47
N MET A 101 -1.23 10.08 -7.02
CA MET A 101 -0.06 9.53 -6.37
C MET A 101 0.90 8.94 -7.38
N ILE A 102 2.16 8.80 -6.93
CA ILE A 102 3.19 8.09 -7.69
C ILE A 102 3.69 6.91 -6.85
N LEU A 103 3.72 5.74 -7.48
CA LEU A 103 4.27 4.51 -6.91
C LEU A 103 5.71 4.38 -7.47
N ILE A 104 6.68 4.47 -6.55
CA ILE A 104 8.08 4.48 -6.89
C ILE A 104 8.56 3.02 -6.70
N PRO A 105 9.08 2.37 -7.74
CA PRO A 105 9.51 0.97 -7.67
C PRO A 105 10.93 0.80 -7.12
N LYS A 106 11.15 -0.40 -6.55
CA LYS A 106 12.51 -0.85 -6.26
C LYS A 106 13.26 0.07 -5.33
N VAL A 107 12.55 0.71 -4.41
CA VAL A 107 13.22 1.75 -3.60
C VAL A 107 14.26 1.08 -2.67
N GLY A 108 15.46 1.66 -2.66
CA GLY A 108 16.59 1.07 -1.92
C GLY A 108 17.02 1.88 -0.72
N VAL A 109 17.00 3.19 -0.85
CA VAL A 109 17.50 4.10 0.18
C VAL A 109 16.60 5.36 0.22
N PRO A 110 16.58 6.09 1.34
CA PRO A 110 15.73 7.27 1.46
C PRO A 110 15.95 8.31 0.35
N ALA A 111 17.20 8.46 -0.11
CA ALA A 111 17.50 9.48 -1.12
C ALA A 111 16.81 9.16 -2.45
N ASP A 112 16.45 7.89 -2.70
CA ASP A 112 15.66 7.58 -3.90
C ASP A 112 14.34 8.36 -3.86
N VAL A 113 13.72 8.37 -2.70
CA VAL A 113 12.43 9.05 -2.53
C VAL A 113 12.61 10.57 -2.59
N TYR A 114 13.65 11.08 -1.96
CA TYR A 114 14.00 12.49 -2.02
C TYR A 114 14.08 12.94 -3.47
N ALA A 115 14.76 12.15 -4.29
CA ALA A 115 14.94 12.53 -5.70
C ALA A 115 13.62 12.74 -6.42
N ILE A 116 12.67 11.83 -6.18
CA ILE A 116 11.36 11.96 -6.82
C ILE A 116 10.59 13.13 -6.22
N ASP A 117 10.78 13.39 -4.94
CA ASP A 117 10.14 14.54 -4.28
C ASP A 117 10.64 15.87 -4.93
N VAL A 118 11.95 16.01 -5.19
CA VAL A 118 12.48 17.19 -5.82
C VAL A 118 11.75 17.40 -7.17
N LEU A 119 11.76 16.38 -8.02
CA LEU A 119 11.24 16.53 -9.39
C LEU A 119 9.75 16.83 -9.34
N THR A 120 9.00 16.03 -8.58
CA THR A 120 7.56 16.20 -8.45
C THR A 120 7.21 17.59 -7.93
N THR A 121 7.93 18.04 -6.92
CA THR A 121 7.66 19.35 -6.36
C THR A 121 7.83 20.46 -7.41
N GLN A 122 8.93 20.41 -8.14
CA GLN A 122 9.23 21.44 -9.16
C GLN A 122 8.13 21.49 -10.20
N ILE A 123 7.66 20.33 -10.64
CA ILE A 123 6.59 20.32 -11.67
C ILE A 123 5.32 20.90 -11.10
N GLU A 124 5.00 20.53 -9.85
CA GLU A 124 3.82 21.08 -9.21
C GLU A 124 3.92 22.63 -9.03
N GLN A 125 5.10 23.13 -8.68
CA GLN A 125 5.36 24.55 -8.60
C GLN A 125 5.10 25.20 -9.97
N ALA A 126 5.59 24.59 -11.06
CA ALA A 126 5.43 25.17 -12.36
C ALA A 126 3.95 25.22 -12.76
N LYS A 127 3.20 24.20 -12.38
CA LYS A 127 1.84 24.07 -12.83
C LYS A 127 0.83 24.77 -11.91
N LYS A 128 1.32 25.23 -10.77
CA LYS A 128 0.47 25.96 -9.81
C LYS A 128 -0.76 25.15 -9.34
N ARG A 129 -0.41 23.93 -8.97
N ARG A 129 -0.81 23.84 -9.38
CA ARG A 129 -1.29 22.86 -8.58
CA ARG A 129 -2.11 23.30 -8.95
C ARG A 129 -1.96 23.07 -7.18
C ARG A 129 -2.11 23.17 -7.43
N GLU A 130 -3.30 22.89 -6.97
CA GLU A 130 -3.75 22.89 -5.55
C GLU A 130 -3.38 21.58 -4.91
N LYS A 131 -3.69 20.49 -5.61
CA LYS A 131 -3.51 19.14 -5.08
C LYS A 131 -2.01 18.88 -4.97
N LYS A 132 -1.58 18.22 -3.91
CA LYS A 132 -0.19 17.72 -3.80
C LYS A 132 -0.21 16.19 -3.98
N ILE A 133 0.62 15.71 -4.87
CA ILE A 133 0.75 14.25 -5.11
C ILE A 133 1.33 13.56 -3.87
N GLY A 134 0.81 12.37 -3.56
CA GLY A 134 1.39 11.52 -2.52
C GLY A 134 2.25 10.44 -3.14
N PHE A 135 3.07 9.81 -2.31
CA PHE A 135 3.92 8.72 -2.73
C PHE A 135 3.55 7.39 -2.06
N GLU A 136 3.68 6.33 -2.82
CA GLU A 136 3.73 4.96 -2.30
C GLU A 136 5.09 4.43 -2.77
N VAL A 137 5.75 3.64 -1.90
CA VAL A 137 7.01 2.99 -2.26
C VAL A 137 6.84 1.50 -2.29
N LEU A 138 7.46 0.89 -3.28
CA LEU A 138 7.58 -0.56 -3.33
C LEU A 138 8.85 -1.02 -2.65
N ILE A 139 8.68 -1.88 -1.64
CA ILE A 139 9.80 -2.59 -0.99
C ILE A 139 9.78 -3.96 -1.64
N GLU A 140 10.68 -4.15 -2.60
CA GLU A 140 10.63 -5.32 -3.50
C GLU A 140 12.04 -5.81 -3.80
N THR A 141 13.01 -5.41 -2.96
CA THR A 141 14.37 -5.85 -3.10
C THR A 141 14.94 -6.04 -1.70
N ALA A 142 15.98 -6.85 -1.59
CA ALA A 142 16.69 -6.96 -0.30
C ALA A 142 17.28 -5.67 0.16
N LEU A 143 17.76 -4.85 -0.75
CA LEU A 143 18.29 -3.52 -0.39
C LEU A 143 17.25 -2.66 0.25
N GLY A 144 16.06 -2.58 -0.35
CA GLY A 144 15.00 -1.79 0.25
C GLY A 144 14.59 -2.34 1.62
N MET A 145 14.49 -3.68 1.73
CA MET A 145 14.14 -4.26 3.01
C MET A 145 15.17 -3.93 4.08
N ALA A 146 16.45 -3.93 3.72
CA ALA A 146 17.53 -3.60 4.66
C ALA A 146 17.54 -2.13 5.14
N ASN A 147 16.83 -1.25 4.40
CA ASN A 147 16.76 0.15 4.68
C ASN A 147 15.32 0.63 4.92
N VAL A 148 14.40 -0.31 5.24
CA VAL A 148 12.99 0.07 5.20
C VAL A 148 12.60 1.09 6.24
N GLU A 149 13.22 1.03 7.42
CA GLU A 149 12.88 1.97 8.47
CA GLU A 149 12.84 1.97 8.46
C GLU A 149 13.28 3.39 8.09
N ALA A 150 14.47 3.54 7.50
CA ALA A 150 14.91 4.81 6.99
C ALA A 150 14.08 5.33 5.82
N ILE A 151 13.68 4.42 4.95
CA ILE A 151 12.82 4.84 3.83
C ILE A 151 11.50 5.39 4.35
N ALA A 152 11.01 4.85 5.47
CA ALA A 152 9.71 5.26 5.96
C ALA A 152 9.60 6.73 6.36
N THR A 153 10.71 7.39 6.65
CA THR A 153 10.76 8.78 7.02
C THR A 153 11.35 9.70 5.95
N SER A 154 11.30 9.25 4.69
CA SER A 154 12.05 9.94 3.64
C SER A 154 11.33 11.08 2.92
N SER A 155 10.04 11.26 3.15
CA SER A 155 9.33 12.36 2.45
C SER A 155 8.01 12.63 3.15
N LYS A 156 7.65 13.91 3.23
CA LYS A 156 6.33 14.30 3.73
C LYS A 156 5.20 13.83 2.82
N ARG A 157 5.53 13.49 1.56
CA ARG A 157 4.56 12.90 0.66
C ARG A 157 4.28 11.47 0.86
N LEU A 158 5.17 10.76 1.58
CA LEU A 158 5.04 9.33 1.68
C LEU A 158 3.84 8.93 2.50
N GLU A 159 3.02 8.05 1.93
CA GLU A 159 1.79 7.56 2.53
C GLU A 159 1.70 6.07 2.78
N ALA A 160 2.47 5.25 2.07
CA ALA A 160 2.19 3.80 2.01
C ALA A 160 3.42 3.08 1.48
N MET A 161 3.55 1.80 1.87
CA MET A 161 4.56 0.92 1.31
CA MET A 161 4.55 0.91 1.29
C MET A 161 3.86 -0.37 0.88
N SER A 162 4.24 -0.85 -0.33
CA SER A 162 3.77 -2.14 -0.80
C SER A 162 4.91 -3.16 -0.75
N PHE A 163 4.59 -4.38 -0.27
CA PHE A 163 5.53 -5.50 -0.27
C PHE A 163 5.45 -6.21 -1.60
N GLY A 164 6.48 -5.99 -2.43
CA GLY A 164 6.54 -6.62 -3.76
C GLY A 164 7.10 -8.01 -3.67
N VAL A 165 6.25 -8.97 -3.32
CA VAL A 165 6.70 -10.31 -2.96
C VAL A 165 7.49 -11.03 -4.05
N ALA A 166 7.06 -10.92 -5.31
CA ALA A 166 7.76 -11.69 -6.35
C ALA A 166 9.13 -11.14 -6.66
N ASP A 167 9.20 -9.81 -6.73
CA ASP A 167 10.52 -9.17 -6.95
C ASP A 167 11.43 -9.28 -5.72
N TYR A 168 10.81 -9.29 -4.54
CA TYR A 168 11.59 -9.54 -3.34
C TYR A 168 12.18 -10.96 -3.35
N ALA A 169 11.35 -11.93 -3.71
CA ALA A 169 11.84 -13.31 -3.85
C ALA A 169 13.00 -13.38 -4.82
N ALA A 170 12.87 -12.70 -5.96
CA ALA A 170 13.96 -12.74 -6.95
C ALA A 170 15.26 -12.14 -6.38
N SER A 171 15.11 -11.04 -5.67
CA SER A 171 16.24 -10.33 -5.09
C SER A 171 16.95 -11.18 -4.02
N THR A 172 16.17 -11.93 -3.26
CA THR A 172 16.74 -12.75 -2.19
C THR A 172 17.18 -14.14 -2.66
N ARG A 173 16.88 -14.45 -3.93
CA ARG A 173 17.09 -15.79 -4.57
C ARG A 173 16.20 -16.87 -3.89
N ALA A 174 15.07 -16.48 -3.31
CA ALA A 174 14.12 -17.39 -2.79
C ALA A 174 13.66 -18.32 -3.89
N ARG A 175 13.36 -19.56 -3.50
CA ARG A 175 12.93 -20.56 -4.50
C ARG A 175 11.46 -20.28 -4.69
N SER A 176 11.13 -19.68 -5.84
CA SER A 176 9.78 -19.20 -6.08
C SER A 176 9.69 -19.11 -7.60
N THR A 177 8.75 -19.90 -8.15
CA THR A 177 8.39 -19.88 -9.58
C THR A 177 7.00 -19.31 -9.85
N VAL A 178 6.35 -18.84 -8.78
CA VAL A 178 4.94 -18.45 -8.67
C VAL A 178 5.04 -17.09 -7.96
N ILE A 179 4.06 -16.21 -8.16
CA ILE A 179 3.98 -14.91 -7.50
C ILE A 179 3.32 -15.11 -6.13
N GLY A 180 4.07 -14.92 -5.08
CA GLY A 180 3.53 -15.15 -3.77
C GLY A 180 3.35 -16.66 -3.56
N GLY A 181 2.58 -16.91 -2.54
CA GLY A 181 2.27 -18.25 -2.09
C GLY A 181 3.28 -18.84 -1.12
N VAL A 182 3.09 -20.12 -0.85
CA VAL A 182 3.82 -20.86 0.15
C VAL A 182 4.68 -21.98 -0.52
N ASN A 183 5.39 -22.73 0.30
CA ASN A 183 6.39 -23.65 -0.22
C ASN A 183 6.53 -24.85 0.70
N ALA A 184 6.25 -26.03 0.21
CA ALA A 184 6.37 -27.25 1.04
C ALA A 184 7.73 -27.42 1.72
N ASP A 185 8.78 -26.88 1.09
CA ASP A 185 10.13 -26.93 1.67
C ASP A 185 10.34 -25.93 2.78
N TYR A 186 9.52 -24.88 2.83
CA TYR A 186 9.69 -23.88 3.90
C TYR A 186 8.79 -24.37 5.05
N SER A 187 9.34 -25.33 5.80
CA SER A 187 8.59 -26.16 6.74
C SER A 187 9.56 -26.72 7.73
N VAL A 188 9.00 -27.08 8.88
CA VAL A 188 9.76 -27.81 9.89
CA VAL A 188 9.65 -27.76 9.99
C VAL A 188 9.30 -29.24 10.00
N LEU A 189 10.29 -30.10 10.22
CA LEU A 189 10.06 -31.57 10.43
C LEU A 189 10.17 -31.80 11.92
N THR A 190 9.08 -32.19 12.55
CA THR A 190 9.09 -32.34 13.98
C THR A 190 9.98 -33.50 14.44
N ASP A 191 10.43 -33.40 15.70
CA ASP A 191 11.12 -34.49 16.33
C ASP A 191 10.16 -35.66 16.53
N LYS A 192 10.67 -36.89 16.44
CA LYS A 192 9.82 -38.09 16.62
C LYS A 192 9.05 -38.02 17.89
N ASP A 193 7.76 -38.29 17.82
CA ASP A 193 6.95 -38.41 19.02
C ASP A 193 7.03 -39.83 19.56
N GLU A 194 6.17 -40.11 20.56
CA GLU A 194 6.13 -41.43 21.20
C GLU A 194 5.76 -42.57 20.23
N ALA A 195 5.03 -42.24 19.15
CA ALA A 195 4.67 -43.23 18.13
C ALA A 195 5.76 -43.37 17.03
N GLY A 196 6.86 -42.63 17.15
CA GLY A 196 7.85 -42.66 16.10
C GLY A 196 7.58 -41.76 14.93
N ASN A 197 6.59 -40.91 15.07
CA ASN A 197 6.10 -40.07 13.95
C ASN A 197 6.71 -38.69 13.95
N ARG A 198 6.85 -38.16 12.73
CA ARG A 198 7.30 -36.83 12.50
C ARG A 198 6.38 -36.10 11.54
N GLN A 199 5.90 -34.91 11.96
CA GLN A 199 4.97 -34.14 11.11
C GLN A 199 5.77 -33.07 10.37
N THR A 200 5.21 -32.58 9.28
CA THR A 200 5.77 -31.45 8.53
C THR A 200 4.81 -30.28 8.71
N HIS A 201 5.28 -29.25 9.39
CA HIS A 201 4.50 -28.04 9.65
C HIS A 201 5.03 -26.87 8.83
N TRP A 202 4.18 -26.38 7.94
CA TRP A 202 4.60 -25.34 7.01
C TRP A 202 4.75 -24.01 7.70
N GLN A 203 5.74 -23.26 7.27
CA GLN A 203 6.02 -21.93 7.80
C GLN A 203 5.74 -20.88 6.76
N ASP A 204 5.85 -19.61 7.16
CA ASP A 204 5.49 -18.48 6.28
C ASP A 204 6.78 -17.88 5.72
N PRO A 205 7.05 -18.05 4.41
CA PRO A 205 8.30 -17.55 3.85
C PRO A 205 8.41 -16.04 3.83
N TRP A 206 7.28 -15.36 3.97
CA TRP A 206 7.24 -13.89 3.91
C TRP A 206 7.02 -13.24 5.27
N LEU A 207 7.01 -14.02 6.35
CA LEU A 207 6.75 -13.50 7.70
C LEU A 207 7.75 -12.41 8.04
N PHE A 208 9.04 -12.66 7.84
CA PHE A 208 10.02 -11.66 8.19
C PHE A 208 9.85 -10.35 7.45
N ALA A 209 9.74 -10.47 6.13
CA ALA A 209 9.57 -9.33 5.27
C ALA A 209 8.33 -8.51 5.59
N GLN A 210 7.20 -9.23 5.71
CA GLN A 210 5.93 -8.54 6.01
C GLN A 210 5.93 -7.83 7.36
N ASN A 211 6.47 -8.50 8.39
CA ASN A 211 6.49 -7.91 9.69
C ASN A 211 7.44 -6.73 9.73
N ARG A 212 8.62 -6.85 9.12
CA ARG A 212 9.55 -5.70 9.17
CA ARG A 212 9.59 -5.74 9.11
C ARG A 212 8.98 -4.52 8.46
N MET A 213 8.39 -4.73 7.30
CA MET A 213 7.76 -3.60 6.61
C MET A 213 6.59 -3.01 7.36
N LEU A 214 5.78 -3.89 7.95
CA LEU A 214 4.66 -3.45 8.81
C LEU A 214 5.13 -2.53 9.93
N VAL A 215 6.18 -2.96 10.65
CA VAL A 215 6.67 -2.18 11.78
C VAL A 215 7.15 -0.80 11.29
N ALA A 216 7.85 -0.76 10.16
CA ALA A 216 8.29 0.54 9.64
C ALA A 216 7.09 1.42 9.35
N CYS A 217 6.11 0.87 8.66
CA CYS A 217 4.90 1.65 8.34
C CYS A 217 4.17 2.15 9.56
N ARG A 218 3.94 1.26 10.50
CA ARG A 218 3.11 1.59 11.69
C ARG A 218 3.86 2.52 12.65
N ALA A 219 5.22 2.45 12.66
CA ALA A 219 6.00 3.37 13.46
C ALA A 219 5.88 4.78 12.92
N TYR A 220 5.82 4.93 11.60
CA TYR A 220 6.04 6.22 10.95
C TYR A 220 4.81 6.74 10.17
N GLY A 221 3.63 6.15 10.45
CA GLY A 221 2.36 6.72 9.99
C GLY A 221 1.88 6.35 8.59
N LEU A 222 2.45 5.29 8.05
CA LEU A 222 2.14 4.84 6.69
C LEU A 222 1.20 3.66 6.64
N ARG A 223 0.56 3.45 5.46
CA ARG A 223 -0.27 2.28 5.19
C ARG A 223 0.59 1.09 4.76
N PRO A 224 0.50 -0.06 5.45
CA PRO A 224 1.20 -1.26 4.97
C PRO A 224 0.27 -2.06 4.03
N ILE A 225 0.79 -2.29 2.82
CA ILE A 225 0.02 -2.92 1.74
C ILE A 225 0.76 -4.15 1.27
N ASP A 226 0.03 -5.27 1.12
CA ASP A 226 0.64 -6.52 0.63
C ASP A 226 0.56 -6.54 -0.89
N GLY A 227 1.54 -7.16 -1.52
CA GLY A 227 1.67 -7.16 -2.96
C GLY A 227 0.88 -8.28 -3.69
N PRO A 228 1.35 -8.67 -4.87
CA PRO A 228 0.58 -9.52 -5.75
C PRO A 228 0.56 -10.98 -5.31
N PHE A 229 -0.51 -11.69 -5.72
CA PHE A 229 -0.68 -13.14 -5.57
C PHE A 229 -1.07 -13.63 -6.95
N GLY A 230 -0.25 -14.54 -7.50
CA GLY A 230 -0.35 -14.89 -8.92
C GLY A 230 -1.36 -15.93 -9.32
N ASP A 231 -1.86 -16.72 -8.38
CA ASP A 231 -2.68 -17.83 -8.78
C ASP A 231 -4.15 -17.44 -8.80
N PHE A 232 -4.58 -16.97 -9.98
CA PHE A 232 -5.94 -16.54 -10.22
C PHE A 232 -6.99 -17.64 -10.07
N SER A 233 -6.55 -18.89 -10.21
CA SER A 233 -7.45 -20.03 -10.07
C SER A 233 -7.64 -20.43 -8.60
N ASP A 234 -7.00 -19.71 -7.66
CA ASP A 234 -6.99 -20.11 -6.25
C ASP A 234 -7.45 -18.98 -5.35
N PRO A 235 -8.73 -18.64 -5.40
CA PRO A 235 -9.26 -17.65 -4.46
C PRO A 235 -9.14 -18.02 -2.98
N ASP A 236 -9.19 -19.32 -2.65
CA ASP A 236 -8.98 -19.69 -1.31
C ASP A 236 -7.56 -19.36 -0.81
N GLY A 237 -6.58 -19.59 -1.66
CA GLY A 237 -5.24 -19.22 -1.33
C GLY A 237 -5.05 -17.70 -1.25
N TYR A 238 -5.68 -16.94 -2.14
CA TYR A 238 -5.63 -15.48 -2.07
C TYR A 238 -6.19 -15.04 -0.74
N THR A 239 -7.38 -15.54 -0.39
CA THR A 239 -8.07 -15.11 0.81
C THR A 239 -7.24 -15.47 2.05
N SER A 240 -6.63 -16.67 2.06
CA SER A 240 -5.77 -17.03 3.17
C SER A 240 -4.60 -16.04 3.31
N ALA A 241 -3.92 -15.74 2.21
CA ALA A 241 -2.81 -14.81 2.24
C ALA A 241 -3.24 -13.43 2.74
N ALA A 242 -4.40 -12.97 2.23
CA ALA A 242 -4.95 -11.68 2.64
C ALA A 242 -5.29 -11.65 4.11
N ARG A 243 -6.02 -12.67 4.60
CA ARG A 243 -6.38 -12.68 5.98
CA ARG A 243 -6.40 -12.70 6.00
C ARG A 243 -5.17 -12.79 6.89
N ARG A 244 -4.13 -13.49 6.45
CA ARG A 244 -2.92 -13.63 7.26
C ARG A 244 -2.22 -12.26 7.43
N CYS A 245 -2.02 -11.50 6.35
CA CYS A 245 -1.40 -10.20 6.55
C CYS A 245 -2.35 -9.22 7.22
N ALA A 246 -3.64 -9.32 6.96
CA ALA A 246 -4.60 -8.45 7.68
C ALA A 246 -4.50 -8.67 9.18
N ALA A 247 -4.30 -9.93 9.60
CA ALA A 247 -4.20 -10.24 11.03
C ALA A 247 -3.04 -9.50 11.68
N LEU A 248 -1.96 -9.33 10.93
CA LEU A 248 -0.80 -8.54 11.42
C LEU A 248 -1.05 -7.05 11.55
N GLY A 249 -2.00 -6.55 10.75
CA GLY A 249 -2.21 -5.11 10.67
C GLY A 249 -2.08 -4.52 9.28
N PHE A 250 -1.87 -5.32 8.25
CA PHE A 250 -1.87 -4.76 6.89
C PHE A 250 -3.26 -4.22 6.55
N GLU A 251 -3.28 -3.19 5.71
CA GLU A 251 -4.48 -2.43 5.41
C GLU A 251 -5.09 -2.75 4.07
N GLY A 252 -4.33 -3.41 3.18
CA GLY A 252 -4.85 -3.77 1.86
C GLY A 252 -3.92 -4.66 1.11
N LYS A 253 -4.34 -5.07 -0.10
CA LYS A 253 -3.57 -6.00 -0.92
C LYS A 253 -3.82 -5.71 -2.39
N TRP A 254 -2.77 -6.01 -3.19
CA TRP A 254 -2.91 -5.86 -4.61
C TRP A 254 -3.93 -6.86 -5.21
N ALA A 255 -4.54 -6.39 -6.29
CA ALA A 255 -5.28 -7.21 -7.22
C ALA A 255 -4.59 -7.09 -8.58
N ILE A 256 -4.22 -8.23 -9.12
CA ILE A 256 -3.62 -8.27 -10.46
C ILE A 256 -4.51 -9.04 -11.44
N HIS A 257 -5.68 -9.44 -10.97
CA HIS A 257 -6.76 -10.03 -11.80
C HIS A 257 -8.04 -9.53 -11.21
N PRO A 258 -9.04 -9.21 -12.07
CA PRO A 258 -10.25 -8.58 -11.53
C PRO A 258 -10.97 -9.32 -10.40
N SER A 259 -10.90 -10.64 -10.42
CA SER A 259 -11.48 -11.48 -9.36
C SER A 259 -10.94 -11.19 -7.96
N GLN A 260 -9.76 -10.64 -7.90
CA GLN A 260 -9.13 -10.39 -6.62
C GLN A 260 -9.62 -9.13 -5.91
N ILE A 261 -10.28 -8.24 -6.66
CA ILE A 261 -10.78 -6.98 -6.10
C ILE A 261 -11.78 -7.19 -4.99
N ASP A 262 -12.80 -8.02 -5.23
CA ASP A 262 -13.84 -8.24 -4.22
C ASP A 262 -13.24 -8.98 -3.01
N LEU A 263 -12.28 -9.86 -3.28
CA LEU A 263 -11.66 -10.65 -2.19
C LEU A 263 -10.90 -9.72 -1.24
N ALA A 264 -10.13 -8.79 -1.80
CA ALA A 264 -9.37 -7.81 -0.98
C ALA A 264 -10.33 -6.88 -0.28
N ASN A 265 -11.34 -6.38 -1.02
CA ASN A 265 -12.26 -5.49 -0.35
C ASN A 265 -12.94 -6.10 0.85
N GLU A 266 -13.31 -7.38 0.73
CA GLU A 266 -14.01 -8.03 1.84
C GLU A 266 -13.07 -8.22 3.04
N VAL A 267 -11.84 -8.71 2.79
CA VAL A 267 -10.94 -9.04 3.89
C VAL A 267 -10.53 -7.79 4.67
N PHE A 268 -10.23 -6.68 3.95
CA PHE A 268 -9.64 -5.51 4.57
C PHE A 268 -10.65 -4.44 5.01
N THR A 269 -11.95 -4.73 4.87
CA THR A 269 -12.96 -3.93 5.53
C THR A 269 -12.73 -4.02 7.06
N PRO A 270 -12.66 -2.88 7.78
CA PRO A 270 -12.49 -3.00 9.25
C PRO A 270 -13.72 -3.61 9.91
N SER A 271 -13.53 -4.31 11.05
CA SER A 271 -14.70 -4.91 11.77
C SER A 271 -15.58 -3.81 12.30
N GLU A 272 -16.86 -4.13 12.46
CA GLU A 272 -17.82 -3.22 13.10
C GLU A 272 -17.33 -2.79 14.49
N ALA A 273 -16.73 -3.73 15.20
CA ALA A 273 -16.28 -3.50 16.52
C ALA A 273 -15.09 -2.51 16.54
N GLU A 274 -14.15 -2.62 15.62
CA GLU A 274 -13.03 -1.69 15.65
C GLU A 274 -13.44 -0.28 15.24
N VAL A 275 -14.42 -0.17 14.35
CA VAL A 275 -14.96 1.13 13.97
C VAL A 275 -15.71 1.73 15.16
N THR A 276 -16.57 0.93 15.81
CA THR A 276 -17.26 1.40 17.01
C THR A 276 -16.33 1.91 18.10
N LYS A 277 -15.25 1.17 18.36
CA LYS A 277 -14.27 1.63 19.35
C LYS A 277 -13.66 2.96 18.97
N ALA A 278 -13.27 3.09 17.71
CA ALA A 278 -12.76 4.36 17.21
C ALA A 278 -13.78 5.51 17.38
N ARG A 279 -15.05 5.25 17.06
CA ARG A 279 -16.09 6.28 17.22
C ARG A 279 -16.26 6.68 18.68
N ARG A 280 -16.11 5.73 19.56
CA ARG A 280 -16.25 6.02 20.98
C ARG A 280 -15.07 6.78 21.53
N ILE A 281 -13.89 6.53 20.95
CA ILE A 281 -12.73 7.34 21.27
C ILE A 281 -12.99 8.82 20.88
N LEU A 282 -13.52 9.05 19.68
CA LEU A 282 -13.79 10.42 19.22
C LEU A 282 -14.85 11.07 20.13
N GLU A 283 -15.86 10.30 20.54
CA GLU A 283 -16.85 10.92 21.44
CA GLU A 283 -16.89 10.74 21.53
C GLU A 283 -16.21 11.14 22.83
N ALA A 284 -15.31 10.29 23.27
CA ALA A 284 -14.60 10.53 24.54
C ALA A 284 -13.72 11.78 24.48
N MET A 285 -13.16 12.06 23.30
CA MET A 285 -12.41 13.30 23.11
CA MET A 285 -12.40 13.28 23.12
C MET A 285 -13.33 14.50 23.27
N GLU A 286 -14.51 14.43 22.63
CA GLU A 286 -15.48 15.52 22.76
C GLU A 286 -15.90 15.71 24.22
N GLU A 287 -16.10 14.60 24.93
CA GLU A 287 -16.43 14.63 26.36
C GLU A 287 -15.39 15.32 27.19
N ALA A 288 -14.13 14.99 26.92
CA ALA A 288 -13.04 15.65 27.66
C ALA A 288 -13.06 17.17 27.41
N ALA A 289 -13.33 17.58 26.17
CA ALA A 289 -13.42 19.00 25.89
C ALA A 289 -14.63 19.64 26.61
N LYS A 290 -15.76 18.95 26.67
CA LYS A 290 -16.94 19.48 27.41
C LYS A 290 -16.64 19.67 28.89
N ALA A 291 -15.81 18.80 29.44
CA ALA A 291 -15.54 18.82 30.86
C ALA A 291 -14.37 19.76 31.21
N GLY A 292 -13.67 20.28 30.21
CA GLY A 292 -12.42 21.04 30.42
C GLY A 292 -11.19 20.24 30.85
N ARG A 293 -11.05 19.01 30.38
CA ARG A 293 -10.09 18.04 30.91
C ARG A 293 -9.12 17.77 29.79
N GLY A 294 -7.82 17.76 30.08
CA GLY A 294 -6.83 17.52 29.02
C GLY A 294 -6.74 16.04 28.65
N ALA A 295 -6.90 15.16 29.64
CA ALA A 295 -6.84 13.69 29.39
C ALA A 295 -8.24 13.09 28.96
N VAL A 296 -8.20 12.34 27.90
CA VAL A 296 -9.33 11.60 27.36
C VAL A 296 -9.37 10.22 28.04
N SER A 297 -10.56 9.81 28.46
CA SER A 297 -10.80 8.56 29.15
C SER A 297 -11.91 7.80 28.41
N LEU A 298 -11.74 6.51 28.23
CA LEU A 298 -12.77 5.62 27.72
C LEU A 298 -12.77 4.35 28.53
N ASP A 299 -13.92 4.00 29.10
CA ASP A 299 -14.07 2.78 29.89
C ASP A 299 -12.98 2.67 30.95
N GLY A 300 -12.64 3.81 31.57
CA GLY A 300 -11.68 3.80 32.67
C GLY A 300 -10.20 3.78 32.29
N ARG A 301 -9.91 4.00 31.00
CA ARG A 301 -8.56 3.97 30.50
C ARG A 301 -8.24 5.29 29.80
N LEU A 302 -7.05 5.80 30.09
CA LEU A 302 -6.53 6.98 29.38
C LEU A 302 -6.30 6.62 27.92
N ILE A 303 -6.78 7.47 27.01
CA ILE A 303 -6.58 7.27 25.60
C ILE A 303 -5.57 8.33 25.15
N ASP A 304 -4.36 7.89 24.79
CA ASP A 304 -3.27 8.84 24.51
C ASP A 304 -3.35 9.41 23.07
N ILE A 305 -2.48 10.41 22.77
CA ILE A 305 -2.55 11.08 21.49
C ILE A 305 -2.24 10.10 20.33
N ALA A 306 -1.29 9.17 20.50
CA ALA A 306 -1.06 8.23 19.40
C ALA A 306 -2.30 7.41 19.06
N SER A 307 -3.01 7.03 20.11
CA SER A 307 -4.22 6.21 19.98
C SER A 307 -5.39 7.01 19.37
N ILE A 308 -5.50 8.29 19.79
CA ILE A 308 -6.49 9.22 19.17
C ILE A 308 -6.20 9.32 17.68
N ARG A 309 -4.93 9.55 17.30
CA ARG A 309 -4.59 9.67 15.89
C ARG A 309 -4.91 8.44 15.08
N MET A 310 -4.69 7.25 15.66
CA MET A 310 -5.12 6.02 15.01
C MET A 310 -6.62 5.93 14.82
N ALA A 311 -7.36 6.38 15.83
CA ALA A 311 -8.82 6.35 15.75
C ALA A 311 -9.35 7.29 14.67
N GLU A 312 -8.75 8.48 14.60
CA GLU A 312 -9.15 9.43 13.58
C GLU A 312 -8.92 8.86 12.17
N ALA A 313 -7.76 8.18 11.98
CA ALA A 313 -7.44 7.59 10.66
C ALA A 313 -8.43 6.47 10.30
N LEU A 314 -8.75 5.62 11.29
CA LEU A 314 -9.67 4.52 11.02
CA LEU A 314 -9.68 4.50 11.08
C LEU A 314 -11.06 5.04 10.64
N ILE A 315 -11.51 6.08 11.32
CA ILE A 315 -12.81 6.66 11.00
C ILE A 315 -12.86 7.28 9.62
N GLN A 316 -11.78 7.93 9.21
CA GLN A 316 -11.77 8.53 7.88
C GLN A 316 -11.95 7.43 6.83
N LYS A 317 -11.30 6.31 7.05
CA LYS A 317 -11.43 5.10 6.22
C LYS A 317 -12.84 4.47 6.22
N ALA A 318 -13.45 4.34 7.40
CA ALA A 318 -14.82 3.84 7.53
C ALA A 318 -15.81 4.77 6.83
N ASP A 319 -15.57 6.07 6.96
CA ASP A 319 -16.47 7.06 6.36
C ASP A 319 -16.39 6.93 4.85
N ALA A 320 -15.18 6.70 4.33
CA ALA A 320 -15.01 6.54 2.86
C ALA A 320 -15.79 5.37 2.31
N MET A 321 -15.80 4.29 3.05
CA MET A 321 -16.53 3.09 2.68
C MET A 321 -18.00 3.40 2.60
N GLY A 322 -18.49 4.19 3.55
CA GLY A 322 -19.89 4.50 3.62
C GLY A 322 -20.35 5.31 2.45
N GLY A 323 -19.44 6.06 1.81
CA GLY A 323 -19.84 6.92 0.68
C GLY A 323 -19.51 6.40 -0.71
N LYS A 324 -19.03 5.16 -0.79
CA LYS A 324 -18.46 4.61 -2.04
C LYS A 324 -19.54 4.31 -3.09
#